data_1U0J
#
_entry.id   1U0J
#
_cell.length_a   71.000
_cell.length_b   71.000
_cell.length_c   95.396
_cell.angle_alpha   90.00
_cell.angle_beta   90.00
_cell.angle_gamma   120.00
#
_symmetry.space_group_name_H-M   'P 65'
#
loop_
_entity.id
_entity.type
_entity.pdbx_description
1 polymer 'DNA replication protein'
2 non-polymer "ADENOSINE-5'-DIPHOSPHATE"
3 water water
#
_entity_poly.entity_id   1
_entity_poly.type   'polypeptide(L)'
_entity_poly.pdbx_seq_one_letter_code
;GMELVGWLVDKGITSEKQWIQEDQASYISFNAASNSRSQIKAALDNAGKIMSLTKTAPDYLVGQQPVEDISSNRIYKILE
LNGYDPQYAASVFLGWATKKFGKRNTIWLFGPATTGKTNIAEAIAHTVPFYGCVNWTNENFPFNDCVDKMVIWWEEGKMT
AKVVESAKAILGGSKVRVDQKCKSSAQIDPTPVIVTSNTNMCAVIDGNSTTFEHQQPLQDRMFKFELTRRLDHDFGKVTK
QEVKDFFRWAKDHVVEVEHEFYVKKGG
;
_entity_poly.pdbx_strand_id   A
#
# COMPACT_ATOMS: atom_id res chain seq x y z
N GLY A 1 -12.29 21.44 -18.08
CA GLY A 1 -11.23 20.70 -18.81
C GLY A 1 -10.06 20.38 -17.90
N MET A 2 -8.95 21.07 -18.09
CA MET A 2 -7.76 20.83 -17.28
C MET A 2 -8.00 21.15 -15.81
N GLU A 3 -9.10 21.83 -15.54
CA GLU A 3 -9.43 22.19 -14.17
C GLU A 3 -9.99 20.92 -13.55
N LEU A 4 -10.64 20.11 -14.36
CA LEU A 4 -11.21 18.86 -13.89
C LEU A 4 -10.11 17.85 -13.60
N VAL A 5 -9.11 17.77 -14.47
CA VAL A 5 -8.00 16.85 -14.28
C VAL A 5 -7.29 17.15 -12.96
N GLY A 6 -7.11 18.44 -12.67
CA GLY A 6 -6.46 18.81 -11.42
C GLY A 6 -7.24 18.25 -10.26
N TRP A 7 -8.56 18.33 -10.36
CA TRP A 7 -9.46 17.82 -9.32
C TRP A 7 -9.38 16.29 -9.18
N LEU A 8 -9.45 15.58 -10.30
CA LEU A 8 -9.38 14.13 -10.29
C LEU A 8 -8.07 13.65 -9.65
N VAL A 9 -6.99 14.32 -10.01
CA VAL A 9 -5.68 13.97 -9.48
C VAL A 9 -5.68 14.19 -7.99
N ASP A 10 -6.19 15.34 -7.56
CA ASP A 10 -6.23 15.65 -6.15
C ASP A 10 -7.05 14.61 -5.39
N LYS A 11 -8.20 14.26 -5.93
CA LYS A 11 -9.12 13.29 -5.32
C LYS A 11 -8.72 11.83 -5.56
N GLY A 12 -7.76 11.60 -6.45
CA GLY A 12 -7.35 10.24 -6.74
C GLY A 12 -8.49 9.47 -7.40
N ILE A 13 -9.17 10.11 -8.33
CA ILE A 13 -10.29 9.47 -9.01
C ILE A 13 -9.82 9.03 -10.39
N THR A 14 -9.86 7.73 -10.61
CA THR A 14 -9.38 7.17 -11.85
C THR A 14 -10.46 6.73 -12.83
N SER A 15 -11.69 6.59 -12.34
CA SER A 15 -12.77 6.16 -13.21
C SER A 15 -14.04 6.95 -12.96
N GLU A 16 -14.90 6.99 -13.95
CA GLU A 16 -16.16 7.68 -13.86
C GLU A 16 -17.01 7.07 -12.74
N LYS A 17 -16.92 5.75 -12.63
CA LYS A 17 -17.65 5.03 -11.59
C LYS A 17 -17.20 5.57 -10.25
N GLN A 18 -15.90 5.58 -10.03
CA GLN A 18 -15.35 6.08 -8.77
C GLN A 18 -15.77 7.52 -8.52
N TRP A 19 -15.67 8.34 -9.55
CA TRP A 19 -16.05 9.74 -9.44
C TRP A 19 -17.48 9.86 -8.93
N ILE A 20 -18.36 9.03 -9.48
CA ILE A 20 -19.75 9.03 -9.08
C ILE A 20 -19.90 8.43 -7.67
N GLN A 21 -19.28 7.28 -7.42
CA GLN A 21 -19.38 6.65 -6.11
C GLN A 21 -18.90 7.57 -4.99
N GLU A 22 -17.83 8.31 -5.24
CA GLU A 22 -17.27 9.18 -4.20
C GLU A 22 -17.82 10.59 -4.13
N ASP A 23 -18.23 11.14 -5.26
CA ASP A 23 -18.74 12.50 -5.24
C ASP A 23 -19.81 12.69 -6.32
N GLN A 24 -20.88 11.90 -6.20
CA GLN A 24 -21.96 11.97 -7.18
C GLN A 24 -22.38 13.41 -7.40
N ALA A 25 -22.30 14.21 -6.34
CA ALA A 25 -22.68 15.62 -6.41
C ALA A 25 -21.88 16.38 -7.47
N SER A 26 -20.55 16.33 -7.37
CA SER A 26 -19.72 17.06 -8.31
C SER A 26 -19.83 16.51 -9.73
N TYR A 27 -20.15 15.23 -9.86
CA TYR A 27 -20.28 14.65 -11.19
C TYR A 27 -21.50 15.24 -11.90
N ILE A 28 -22.59 15.37 -11.16
CA ILE A 28 -23.82 15.90 -11.73
C ILE A 28 -23.63 17.39 -12.04
N SER A 29 -22.99 18.12 -11.13
CA SER A 29 -22.73 19.53 -11.36
C SER A 29 -21.92 19.64 -12.64
N PHE A 30 -20.73 19.04 -12.63
CA PHE A 30 -19.87 19.09 -13.80
C PHE A 30 -20.62 18.83 -15.09
N ASN A 31 -21.29 17.68 -15.17
CA ASN A 31 -22.01 17.29 -16.38
C ASN A 31 -23.38 17.91 -16.58
N ALA A 32 -23.79 18.79 -16.42
CA ALA A 32 -25.19 19.16 -16.10
C ALA A 32 -25.96 19.51 -17.33
N ALA A 33 -25.38 20.37 -18.15
CA ALA A 33 -26.05 20.74 -19.41
C ALA A 33 -25.84 19.54 -20.38
N SER A 34 -24.59 19.05 -20.35
CA SER A 34 -24.15 17.97 -21.17
C SER A 34 -23.11 17.09 -20.43
N ASN A 35 -23.02 15.85 -21.16
CA ASN A 35 -22.16 14.83 -20.59
C ASN A 35 -21.25 14.57 -21.78
N SER A 36 -20.17 15.42 -21.80
CA SER A 36 -19.27 15.22 -22.97
C SER A 36 -18.64 13.89 -22.58
N ARG A 37 -18.73 12.94 -23.52
CA ARG A 37 -18.25 11.58 -23.18
C ARG A 37 -16.77 11.46 -23.49
N SER A 38 -16.39 12.31 -24.43
CA SER A 38 -14.99 12.46 -24.80
C SER A 38 -14.21 13.33 -23.83
N GLN A 39 -14.80 14.44 -23.40
CA GLN A 39 -14.10 15.31 -22.47
C GLN A 39 -13.87 14.51 -21.19
N ILE A 40 -14.91 13.84 -20.73
CA ILE A 40 -14.83 13.02 -19.51
C ILE A 40 -13.69 12.01 -19.63
N LYS A 41 -13.70 11.24 -20.71
CA LYS A 41 -12.68 10.23 -20.94
C LYS A 41 -11.29 10.81 -20.97
N ALA A 42 -11.12 11.94 -21.65
CA ALA A 42 -9.83 12.60 -21.75
C ALA A 42 -9.32 13.02 -20.38
N ALA A 43 -10.19 13.65 -19.60
CA ALA A 43 -9.83 14.11 -18.27
C ALA A 43 -9.40 12.93 -17.42
N LEU A 44 -10.23 11.88 -17.39
CA LEU A 44 -9.92 10.70 -16.61
C LEU A 44 -8.64 10.04 -17.08
N ASP A 45 -8.47 9.89 -18.39
CA ASP A 45 -7.26 9.28 -18.93
C ASP A 45 -6.06 10.11 -18.50
N ASN A 46 -6.18 11.43 -18.69
CA ASN A 46 -5.10 12.34 -18.33
C ASN A 46 -4.80 12.27 -16.84
N ALA A 47 -5.84 12.36 -16.01
CA ALA A 47 -5.65 12.29 -14.57
C ALA A 47 -4.97 10.98 -14.20
N GLY A 48 -5.45 9.90 -14.81
CA GLY A 48 -4.89 8.58 -14.53
C GLY A 48 -3.44 8.43 -14.90
N LYS A 49 -3.07 8.98 -16.07
CA LYS A 49 -1.70 8.92 -16.52
C LYS A 49 -0.81 9.74 -15.58
N ILE A 50 -1.33 10.90 -15.18
CA ILE A 50 -0.60 11.77 -14.26
C ILE A 50 -0.39 11.03 -12.93
N MET A 51 -1.44 10.39 -12.40
CA MET A 51 -1.31 9.69 -11.12
C MET A 51 -0.45 8.44 -11.16
N SER A 52 -0.69 7.58 -12.14
CA SER A 52 0.06 6.34 -12.26
C SER A 52 1.51 6.57 -12.66
N LEU A 53 1.78 7.61 -13.44
CA LEU A 53 3.15 7.85 -13.88
C LEU A 53 3.96 8.77 -12.98
N THR A 54 3.31 9.67 -12.25
CA THR A 54 4.08 10.59 -11.44
C THR A 54 3.70 10.80 -9.98
N LYS A 55 2.47 10.47 -9.61
CA LYS A 55 2.06 10.66 -8.23
C LYS A 55 2.48 9.50 -7.34
N THR A 56 2.49 9.72 -6.04
CA THR A 56 2.91 8.68 -5.12
C THR A 56 1.89 8.44 -4.01
N ALA A 57 1.98 7.27 -3.40
CA ALA A 57 1.08 6.85 -2.33
C ALA A 57 0.76 7.95 -1.32
N PRO A 58 1.80 8.62 -0.78
CA PRO A 58 1.60 9.69 0.21
C PRO A 58 0.55 10.73 -0.19
N ASP A 59 0.50 11.07 -1.47
CA ASP A 59 -0.47 12.06 -1.94
C ASP A 59 -1.89 11.59 -1.67
N TYR A 60 -2.09 10.28 -1.52
CA TYR A 60 -3.42 9.76 -1.29
C TYR A 60 -3.60 9.07 0.07
N LEU A 61 -2.51 8.54 0.62
CA LEU A 61 -2.60 7.88 1.92
C LEU A 61 -2.72 8.94 3.03
N VAL A 62 -1.96 10.02 2.90
CA VAL A 62 -2.03 11.06 3.90
C VAL A 62 -3.29 11.88 3.74
N GLY A 63 -4.21 11.72 4.70
CA GLY A 63 -5.46 12.45 4.66
C GLY A 63 -5.30 13.95 4.64
N GLN A 64 -6.21 14.63 3.96
CA GLN A 64 -6.17 16.08 3.87
C GLN A 64 -6.80 16.73 5.11
N GLN A 65 -7.60 15.97 5.85
CA GLN A 65 -8.27 16.50 7.02
C GLN A 65 -7.52 16.15 8.29
N PRO A 66 -7.59 17.06 9.27
CA PRO A 66 -7.10 16.84 10.64
C PRO A 66 -7.84 15.66 11.24
N VAL A 67 -7.13 14.96 12.08
CA VAL A 67 -7.53 13.78 12.80
C VAL A 67 -7.50 14.04 14.29
N GLU A 68 -8.52 14.56 14.85
CA GLU A 68 -8.47 14.94 16.25
C GLU A 68 -8.43 13.74 17.22
N ASP A 69 -9.19 12.70 16.88
CA ASP A 69 -9.24 11.59 17.76
C ASP A 69 -8.77 10.28 17.10
N ILE A 70 -7.46 10.00 17.08
CA ILE A 70 -6.97 8.81 16.39
C ILE A 70 -7.24 7.47 17.10
N SER A 71 -7.63 7.55 18.39
CA SER A 71 -7.90 6.41 19.26
C SER A 71 -9.00 5.48 18.74
N SER A 72 -9.92 6.02 17.95
CA SER A 72 -11.01 5.22 17.40
C SER A 72 -10.59 4.52 16.11
N ASN A 73 -9.47 4.99 15.53
CA ASN A 73 -8.94 4.45 14.28
C ASN A 73 -8.57 2.96 14.36
N ARG A 74 -9.18 2.16 13.50
CA ARG A 74 -8.91 0.72 13.49
C ARG A 74 -7.42 0.35 13.37
N ILE A 75 -6.70 1.02 12.48
CA ILE A 75 -5.28 0.73 12.32
C ILE A 75 -4.57 0.99 13.64
N TYR A 76 -4.82 2.16 14.22
CA TYR A 76 -4.24 2.53 15.50
C TYR A 76 -4.51 1.41 16.52
N LYS A 77 -5.77 1.02 16.63
CA LYS A 77 -6.18 -0.02 17.57
C LYS A 77 -5.46 -1.35 17.36
N ILE A 78 -5.43 -1.82 16.11
CA ILE A 78 -4.75 -3.08 15.81
C ILE A 78 -3.31 -3.02 16.29
N LEU A 79 -2.60 -1.97 15.91
CA LEU A 79 -1.21 -1.78 16.32
C LEU A 79 -1.10 -1.83 17.85
N GLU A 80 -2.00 -1.11 18.49
CA GLU A 80 -2.06 -1.02 19.95
C GLU A 80 -2.26 -2.40 20.58
N LEU A 81 -3.25 -3.14 20.06
CA LEU A 81 -3.55 -4.47 20.56
C LEU A 81 -2.32 -5.37 20.60
N ASN A 82 -1.45 -5.23 19.61
CA ASN A 82 -0.27 -6.07 19.55
C ASN A 82 1.02 -5.55 20.20
N GLY A 83 0.93 -4.48 20.97
CA GLY A 83 2.11 -3.97 21.65
C GLY A 83 2.94 -2.92 20.96
N TYR A 84 2.47 -2.46 19.80
CA TYR A 84 3.19 -1.43 19.08
C TYR A 84 2.80 -0.03 19.51
N ASP A 85 3.81 0.84 19.59
CA ASP A 85 3.57 2.24 19.90
C ASP A 85 2.92 2.68 18.60
N PRO A 86 1.62 3.01 18.61
CA PRO A 86 0.96 3.42 17.37
C PRO A 86 1.63 4.61 16.67
N GLN A 87 2.21 5.52 17.45
CA GLN A 87 2.87 6.68 16.88
C GLN A 87 4.15 6.27 16.16
N TYR A 88 4.88 5.36 16.79
CA TYR A 88 6.12 4.86 16.25
C TYR A 88 5.79 4.02 15.00
N ALA A 89 4.79 3.16 15.16
CA ALA A 89 4.35 2.29 14.07
C ALA A 89 3.87 3.13 12.88
N ALA A 90 3.09 4.16 13.16
CA ALA A 90 2.58 5.03 12.11
C ALA A 90 3.72 5.67 11.35
N SER A 91 4.79 5.98 12.06
CA SER A 91 5.95 6.60 11.45
C SER A 91 6.62 5.61 10.49
N VAL A 92 6.59 4.33 10.85
CA VAL A 92 7.15 3.30 10.00
C VAL A 92 6.30 3.30 8.73
N PHE A 93 4.99 3.21 8.91
CA PHE A 93 4.07 3.21 7.78
C PHE A 93 4.21 4.49 6.96
N LEU A 94 4.31 5.63 7.63
CA LEU A 94 4.47 6.90 6.92
C LEU A 94 5.75 6.86 6.09
N GLY A 95 6.88 6.63 6.74
CA GLY A 95 8.14 6.57 6.01
C GLY A 95 8.11 5.51 4.93
N TRP A 96 7.40 4.42 5.18
CA TRP A 96 7.29 3.35 4.20
C TRP A 96 6.58 3.86 2.95
N ALA A 97 5.48 4.57 3.13
CA ALA A 97 4.73 5.09 2.02
C ALA A 97 5.52 6.14 1.24
N THR A 98 6.42 6.83 1.93
CA THR A 98 7.21 7.88 1.31
C THR A 98 8.61 7.42 0.88
N LYS A 99 8.84 6.12 0.83
CA LYS A 99 10.13 5.54 0.45
C LYS A 99 11.25 6.22 1.22
N LYS A 100 11.07 6.33 2.53
CA LYS A 100 12.04 7.01 3.38
C LYS A 100 13.17 6.14 3.89
N PHE A 101 12.93 4.85 3.97
CA PHE A 101 13.88 3.92 4.54
C PHE A 101 14.78 3.10 3.63
N GLY A 102 15.22 3.71 2.53
CA GLY A 102 16.10 3.02 1.61
C GLY A 102 15.62 1.65 1.20
N LYS A 103 16.49 0.65 1.32
CA LYS A 103 16.12 -0.71 0.94
C LYS A 103 14.94 -1.26 1.73
N ARG A 104 14.75 -0.77 2.96
CA ARG A 104 13.61 -1.20 3.76
C ARG A 104 12.38 -0.52 3.14
N ASN A 105 11.99 -1.04 1.99
CA ASN A 105 10.89 -0.52 1.19
C ASN A 105 9.61 -1.36 1.35
N THR A 106 9.68 -2.39 2.19
CA THR A 106 8.56 -3.30 2.39
C THR A 106 8.13 -3.44 3.84
N ILE A 107 6.83 -3.39 4.07
CA ILE A 107 6.31 -3.59 5.39
C ILE A 107 5.70 -4.98 5.35
N TRP A 108 6.09 -5.80 6.30
CA TRP A 108 5.60 -7.15 6.36
C TRP A 108 4.67 -7.26 7.56
N LEU A 109 3.43 -7.61 7.28
CA LEU A 109 2.44 -7.81 8.33
C LEU A 109 2.35 -9.31 8.44
N PHE A 110 2.92 -9.81 9.53
CA PHE A 110 2.95 -11.24 9.81
C PHE A 110 2.07 -11.57 11.00
N GLY A 111 1.49 -12.76 10.96
CA GLY A 111 0.64 -13.19 12.05
C GLY A 111 -0.38 -14.22 11.63
N PRO A 112 -0.98 -14.92 12.62
CA PRO A 112 -2.00 -15.93 12.33
C PRO A 112 -3.21 -15.27 11.73
N ALA A 113 -4.12 -16.07 11.21
CA ALA A 113 -5.32 -15.52 10.57
C ALA A 113 -6.19 -14.72 11.53
N THR A 114 -6.91 -13.76 10.96
CA THR A 114 -7.84 -12.90 11.69
C THR A 114 -7.17 -11.92 12.62
N THR A 115 -5.95 -11.50 12.30
CA THR A 115 -5.27 -10.53 13.16
C THR A 115 -5.38 -9.11 12.58
N GLY A 116 -6.01 -8.99 11.41
CA GLY A 116 -6.17 -7.69 10.78
C GLY A 116 -5.11 -7.36 9.74
N LYS A 117 -4.33 -8.35 9.32
CA LYS A 117 -3.26 -8.13 8.34
C LYS A 117 -3.83 -7.67 6.99
N THR A 118 -4.76 -8.47 6.46
CA THR A 118 -5.40 -8.17 5.18
C THR A 118 -6.28 -6.93 5.29
N ASN A 119 -6.92 -6.77 6.45
CA ASN A 119 -7.80 -5.64 6.70
C ASN A 119 -7.02 -4.35 6.47
N ILE A 120 -5.82 -4.30 7.02
CA ILE A 120 -4.98 -3.13 6.89
C ILE A 120 -4.36 -3.00 5.50
N ALA A 121 -3.68 -4.04 5.05
CA ALA A 121 -3.03 -4.00 3.74
C ALA A 121 -4.03 -3.65 2.63
N GLU A 122 -5.17 -4.33 2.61
CA GLU A 122 -6.15 -4.07 1.58
C GLU A 122 -6.74 -2.67 1.67
N ALA A 123 -6.93 -2.17 2.88
CA ALA A 123 -7.48 -0.82 3.01
C ALA A 123 -6.47 0.14 2.41
N ILE A 124 -5.20 -0.05 2.73
CA ILE A 124 -4.14 0.83 2.22
C ILE A 124 -4.08 0.76 0.69
N ALA A 125 -4.04 -0.45 0.15
CA ALA A 125 -3.96 -0.64 -1.30
C ALA A 125 -5.16 -0.04 -2.03
N HIS A 126 -6.31 -0.04 -1.37
CA HIS A 126 -7.51 0.50 -1.99
C HIS A 126 -7.65 1.97 -1.75
N THR A 127 -6.76 2.54 -0.93
CA THR A 127 -6.81 3.96 -0.67
C THR A 127 -6.06 4.69 -1.79
N VAL A 128 -4.99 4.08 -2.30
CA VAL A 128 -4.24 4.70 -3.38
C VAL A 128 -4.94 4.44 -4.72
N PRO A 129 -4.88 5.41 -5.65
CA PRO A 129 -5.51 5.28 -6.96
C PRO A 129 -5.01 4.06 -7.75
N PHE A 130 -3.74 3.72 -7.58
CA PHE A 130 -3.15 2.59 -8.29
C PHE A 130 -2.30 1.71 -7.39
N TYR A 131 -2.68 0.44 -7.30
CA TYR A 131 -1.96 -0.53 -6.50
C TYR A 131 -1.90 -1.79 -7.33
N GLY A 132 -0.92 -2.63 -7.06
CA GLY A 132 -0.79 -3.87 -7.79
C GLY A 132 -0.55 -5.02 -6.83
N CYS A 133 -0.99 -6.21 -7.20
CA CYS A 133 -0.77 -7.36 -6.35
C CYS A 133 0.15 -8.35 -7.05
N VAL A 134 1.13 -8.86 -6.30
CA VAL A 134 2.05 -9.83 -6.85
C VAL A 134 1.21 -11.07 -7.17
N ASN A 135 1.33 -11.54 -8.41
CA ASN A 135 0.55 -12.70 -8.86
C ASN A 135 1.45 -13.91 -9.08
N TRP A 136 1.51 -14.78 -8.07
CA TRP A 136 2.34 -15.98 -8.15
C TRP A 136 1.75 -17.11 -8.99
N THR A 137 0.44 -17.09 -9.21
CA THR A 137 -0.17 -18.14 -10.04
C THR A 137 0.38 -17.99 -11.45
N ASN A 138 0.94 -16.81 -11.74
CA ASN A 138 1.53 -16.54 -13.03
C ASN A 138 3.05 -16.57 -12.85
N GLU A 139 3.61 -17.78 -12.85
CA GLU A 139 5.05 -17.98 -12.67
C GLU A 139 5.90 -17.18 -13.67
N ASN A 140 5.38 -17.00 -14.87
CA ASN A 140 6.10 -16.27 -15.92
C ASN A 140 6.21 -14.77 -15.62
N PHE A 141 5.07 -14.16 -15.32
CA PHE A 141 5.01 -12.73 -15.01
C PHE A 141 4.29 -12.49 -13.69
N PRO A 142 5.00 -12.68 -12.56
CA PRO A 142 4.45 -12.50 -11.21
C PRO A 142 4.20 -11.03 -10.88
N PHE A 143 4.88 -10.14 -11.57
CA PHE A 143 4.75 -8.71 -11.29
C PHE A 143 4.05 -7.87 -12.35
N ASN A 144 3.52 -8.53 -13.39
CA ASN A 144 2.85 -7.84 -14.49
C ASN A 144 1.91 -6.73 -14.03
N ASP A 145 1.25 -6.99 -12.92
CA ASP A 145 0.27 -6.06 -12.33
C ASP A 145 0.93 -4.99 -11.45
N CYS A 146 2.25 -5.04 -11.32
CA CYS A 146 2.96 -4.10 -10.46
C CYS A 146 3.66 -2.93 -11.12
N VAL A 147 3.24 -2.57 -12.32
CA VAL A 147 3.87 -1.45 -13.01
C VAL A 147 3.08 -0.18 -12.75
N ASP A 148 3.80 0.93 -12.61
CA ASP A 148 3.16 2.23 -12.37
C ASP A 148 2.09 2.16 -11.29
N LYS A 149 2.45 1.62 -10.13
CA LYS A 149 1.54 1.51 -9.00
C LYS A 149 2.11 2.30 -7.82
N MET A 150 1.27 2.71 -6.88
CA MET A 150 1.76 3.49 -5.72
C MET A 150 2.03 2.58 -4.52
N VAL A 151 1.44 1.41 -4.57
CA VAL A 151 1.60 0.41 -3.52
C VAL A 151 1.49 -0.97 -4.14
N ILE A 152 2.40 -1.86 -3.76
CA ILE A 152 2.35 -3.22 -4.24
C ILE A 152 2.04 -4.07 -3.02
N TRP A 153 0.98 -4.85 -3.14
CA TRP A 153 0.55 -5.71 -2.07
C TRP A 153 0.81 -7.17 -2.43
N TRP A 154 1.71 -7.80 -1.69
CA TRP A 154 2.04 -9.20 -1.90
C TRP A 154 1.17 -9.89 -0.85
N GLU A 155 0.02 -10.41 -1.29
CA GLU A 155 -0.92 -11.06 -0.38
C GLU A 155 -0.78 -12.56 -0.22
N GLU A 156 -0.38 -13.25 -1.29
CA GLU A 156 -0.24 -14.71 -1.23
C GLU A 156 0.88 -15.23 -2.10
N GLY A 157 1.16 -16.52 -1.93
CA GLY A 157 2.17 -17.17 -2.74
C GLY A 157 3.59 -17.03 -2.23
N LYS A 158 4.43 -17.97 -2.64
CA LYS A 158 5.82 -17.95 -2.25
C LYS A 158 6.64 -17.47 -3.44
N MET A 159 7.75 -16.84 -3.13
CA MET A 159 8.67 -16.31 -4.12
C MET A 159 9.43 -17.47 -4.76
N THR A 160 9.53 -17.45 -6.09
CA THR A 160 10.26 -18.50 -6.79
C THR A 160 11.69 -18.06 -7.08
N ALA A 161 12.61 -19.01 -7.05
CA ALA A 161 14.03 -18.75 -7.28
C ALA A 161 14.28 -17.97 -8.59
N LYS A 162 13.47 -18.24 -9.61
CA LYS A 162 13.62 -17.57 -10.90
C LYS A 162 13.32 -16.08 -10.84
N VAL A 163 12.59 -15.62 -9.83
CA VAL A 163 12.29 -14.20 -9.74
C VAL A 163 12.82 -13.52 -8.49
N VAL A 164 13.47 -14.28 -7.61
CA VAL A 164 14.00 -13.76 -6.36
C VAL A 164 14.78 -12.46 -6.49
N GLU A 165 15.66 -12.37 -7.48
CA GLU A 165 16.44 -11.16 -7.69
C GLU A 165 15.52 -9.96 -8.01
N SER A 166 14.53 -10.20 -8.86
CA SER A 166 13.57 -9.15 -9.21
C SER A 166 12.80 -8.79 -7.95
N ALA A 167 12.43 -9.83 -7.20
CA ALA A 167 11.68 -9.69 -5.97
C ALA A 167 12.45 -8.85 -4.96
N LYS A 168 13.75 -9.13 -4.84
CA LYS A 168 14.58 -8.37 -3.91
C LYS A 168 14.58 -6.90 -4.34
N ALA A 169 14.63 -6.68 -5.65
CA ALA A 169 14.64 -5.32 -6.19
C ALA A 169 13.37 -4.56 -5.84
N ILE A 170 12.23 -5.21 -6.08
CA ILE A 170 10.94 -4.60 -5.80
C ILE A 170 10.74 -4.37 -4.32
N LEU A 171 10.99 -5.40 -3.53
CA LEU A 171 10.85 -5.31 -2.09
C LEU A 171 11.84 -4.26 -1.55
N GLY A 172 12.97 -4.12 -2.23
CA GLY A 172 13.98 -3.17 -1.80
C GLY A 172 13.90 -1.78 -2.41
N GLY A 173 12.89 -1.53 -3.22
CA GLY A 173 12.75 -0.21 -3.81
C GLY A 173 13.82 0.19 -4.83
N SER A 174 14.34 -0.78 -5.56
CA SER A 174 15.33 -0.50 -6.60
C SER A 174 14.62 -0.76 -7.90
N LYS A 175 14.70 0.18 -8.83
CA LYS A 175 14.04 0.02 -10.13
C LYS A 175 14.49 -1.29 -10.77
N VAL A 176 13.58 -1.97 -11.44
CA VAL A 176 13.90 -3.24 -12.09
C VAL A 176 12.93 -3.53 -13.23
N ARG A 177 13.37 -4.34 -14.19
CA ARG A 177 12.53 -4.70 -15.32
C ARG A 177 11.81 -6.02 -15.12
N VAL A 178 10.59 -6.11 -15.64
CA VAL A 178 9.79 -7.31 -15.52
C VAL A 178 9.04 -7.59 -16.83
N SER A 185 10.92 -5.70 -21.07
CA SER A 185 9.82 -4.81 -21.26
C SER A 185 9.05 -4.59 -19.98
N ALA A 186 8.54 -3.95 -19.45
CA ALA A 186 8.02 -2.90 -18.59
C ALA A 186 8.84 -2.86 -17.31
N GLN A 187 8.99 -1.76 -16.70
CA GLN A 187 9.87 -1.56 -15.58
C GLN A 187 9.11 -1.15 -14.32
N ILE A 188 9.57 -1.65 -13.18
CA ILE A 188 8.94 -1.31 -11.90
C ILE A 188 9.82 -0.31 -11.15
N ASP A 189 9.34 0.92 -11.06
CA ASP A 189 10.09 1.95 -10.35
C ASP A 189 9.88 1.68 -8.88
N PRO A 190 10.74 2.24 -8.01
CA PRO A 190 10.58 2.00 -6.58
C PRO A 190 9.13 2.18 -6.16
N THR A 191 8.60 1.19 -5.47
CA THR A 191 7.22 1.23 -5.03
C THR A 191 7.09 0.56 -3.67
N PRO A 192 6.47 1.24 -2.71
CA PRO A 192 6.31 0.64 -1.38
C PRO A 192 5.57 -0.70 -1.48
N VAL A 193 6.15 -1.75 -0.91
CA VAL A 193 5.50 -3.03 -0.94
C VAL A 193 5.01 -3.41 0.44
N ILE A 194 3.80 -3.97 0.51
CA ILE A 194 3.23 -4.43 1.75
C ILE A 194 2.93 -5.92 1.58
N VAL A 195 3.56 -6.71 2.42
CA VAL A 195 3.41 -8.16 2.42
C VAL A 195 2.60 -8.57 3.63
N THR A 196 1.59 -9.41 3.41
CA THR A 196 0.75 -9.95 4.48
C THR A 196 0.77 -11.47 4.34
N SER A 197 1.12 -12.16 5.41
CA SER A 197 1.19 -13.62 5.38
C SER A 197 1.09 -14.22 6.78
N ASN A 198 0.67 -15.48 6.85
CA ASN A 198 0.60 -16.13 8.15
C ASN A 198 1.76 -17.10 8.20
N THR A 199 2.61 -17.03 7.17
CA THR A 199 3.78 -17.90 7.08
C THR A 199 5.05 -17.12 6.73
N ASN A 200 6.19 -17.78 6.88
CA ASN A 200 7.47 -17.16 6.58
C ASN A 200 7.59 -16.97 5.09
N MET A 201 7.19 -15.80 4.60
CA MET A 201 7.24 -15.58 3.16
C MET A 201 8.66 -15.33 2.62
N CYS A 202 9.66 -15.53 3.48
CA CYS A 202 11.04 -15.38 3.04
C CYS A 202 11.49 -16.73 2.50
N ALA A 203 10.56 -17.69 2.45
CA ALA A 203 10.84 -19.01 1.93
C ALA A 203 10.81 -18.88 0.41
N VAL A 204 11.80 -19.46 -0.26
CA VAL A 204 11.87 -19.37 -1.71
C VAL A 204 11.80 -20.74 -2.37
N ILE A 205 10.87 -20.91 -3.30
CA ILE A 205 10.70 -22.17 -3.99
C ILE A 205 11.55 -22.27 -5.25
N ASP A 206 12.32 -23.35 -5.33
CA ASP A 206 13.16 -23.67 -6.47
C ASP A 206 12.77 -25.12 -6.80
N GLY A 207 11.80 -25.29 -7.69
CA GLY A 207 11.37 -26.63 -8.03
C GLY A 207 10.88 -27.34 -6.78
N ASN A 208 11.45 -28.50 -6.47
CA ASN A 208 11.08 -29.25 -5.28
C ASN A 208 11.75 -28.72 -4.02
N SER A 209 12.70 -27.82 -4.20
CA SER A 209 13.45 -27.25 -3.08
C SER A 209 12.86 -25.96 -2.52
N THR A 210 12.86 -25.85 -1.20
CA THR A 210 12.39 -24.65 -0.53
C THR A 210 13.62 -24.15 0.20
N THR A 211 14.08 -22.95 -0.13
CA THR A 211 15.28 -22.42 0.49
C THR A 211 15.07 -21.14 1.29
N PHE A 212 15.87 -21.00 2.33
CA PHE A 212 15.83 -19.83 3.19
C PHE A 212 17.10 -19.04 3.00
N GLU A 213 17.88 -19.43 2.00
CA GLU A 213 19.14 -18.75 1.72
C GLU A 213 18.92 -17.27 1.36
N HIS A 214 17.71 -16.91 0.98
CA HIS A 214 17.44 -15.52 0.61
C HIS A 214 16.73 -14.80 1.73
N GLN A 215 16.66 -15.42 2.89
CA GLN A 215 15.96 -14.82 4.01
C GLN A 215 16.56 -13.51 4.50
N GLN A 216 17.87 -13.48 4.66
CA GLN A 216 18.53 -12.28 5.13
C GLN A 216 18.39 -11.17 4.10
N PRO A 217 18.67 -11.47 2.84
CA PRO A 217 18.53 -10.42 1.81
C PRO A 217 17.12 -9.83 1.85
N LEU A 218 16.14 -10.72 2.00
CA LEU A 218 14.74 -10.34 2.03
C LEU A 218 14.34 -9.52 3.24
N GLN A 219 14.74 -9.94 4.44
CA GLN A 219 14.36 -9.14 5.59
C GLN A 219 15.17 -7.86 5.73
N ASP A 220 16.23 -7.70 4.94
CA ASP A 220 16.98 -6.44 4.98
C ASP A 220 16.18 -5.36 4.27
N ARG A 221 15.16 -5.78 3.53
CA ARG A 221 14.30 -4.86 2.78
C ARG A 221 12.95 -4.69 3.43
N MET A 222 12.79 -5.27 4.62
CA MET A 222 11.49 -5.19 5.27
C MET A 222 11.45 -4.60 6.67
N PHE A 223 10.24 -4.24 7.07
CA PHE A 223 9.92 -3.79 8.42
C PHE A 223 8.87 -4.83 8.76
N LYS A 224 9.11 -5.60 9.81
CA LYS A 224 8.17 -6.65 10.17
C LYS A 224 7.35 -6.37 11.40
N PHE A 225 6.04 -6.39 11.23
CA PHE A 225 5.10 -6.20 12.33
C PHE A 225 4.53 -7.60 12.56
N GLU A 226 4.38 -7.98 13.83
CA GLU A 226 3.83 -9.29 14.15
C GLU A 226 2.49 -9.13 14.84
N LEU A 227 1.41 -9.32 14.07
CA LEU A 227 0.05 -9.19 14.58
C LEU A 227 -0.48 -10.57 14.94
N THR A 228 -0.50 -10.86 16.23
CA THR A 228 -0.96 -12.16 16.72
C THR A 228 -2.33 -12.12 17.40
N ARG A 229 -2.70 -10.95 17.91
CA ARG A 229 -3.98 -10.81 18.58
C ARG A 229 -5.14 -11.05 17.61
N ARG A 230 -5.81 -12.20 17.74
CA ARG A 230 -6.94 -12.50 16.87
C ARG A 230 -7.98 -11.42 17.12
N LEU A 231 -8.54 -10.88 16.04
CA LEU A 231 -9.54 -9.82 16.17
C LEU A 231 -10.94 -10.40 16.21
N ASP A 232 -11.81 -9.74 16.95
CA ASP A 232 -13.19 -10.18 17.05
C ASP A 232 -13.83 -10.04 15.66
N HIS A 233 -14.72 -10.97 15.34
CA HIS A 233 -15.40 -10.95 14.04
C HIS A 233 -16.10 -9.61 13.85
N ASP A 234 -16.28 -8.91 14.95
CA ASP A 234 -16.98 -7.62 14.96
C ASP A 234 -16.12 -6.39 14.69
N PHE A 235 -14.82 -6.52 14.89
CA PHE A 235 -13.88 -5.39 14.72
C PHE A 235 -14.21 -4.41 13.59
N GLY A 236 -14.51 -4.92 12.40
CA GLY A 236 -14.83 -4.05 11.29
C GLY A 236 -13.70 -3.92 10.29
N LYS A 237 -14.04 -3.45 9.09
CA LYS A 237 -13.06 -3.27 8.02
C LYS A 237 -12.43 -1.89 8.11
N VAL A 238 -11.10 -1.82 7.98
CA VAL A 238 -10.42 -0.54 8.00
C VAL A 238 -10.94 0.16 6.75
N THR A 239 -11.44 1.39 6.91
CA THR A 239 -11.98 2.13 5.79
C THR A 239 -10.92 3.00 5.14
N LYS A 240 -11.24 3.49 3.94
CA LYS A 240 -10.35 4.36 3.21
C LYS A 240 -10.03 5.59 4.08
N GLN A 241 -11.07 6.14 4.68
CA GLN A 241 -10.91 7.32 5.53
C GLN A 241 -10.00 7.02 6.72
N GLU A 242 -10.07 5.80 7.26
CA GLU A 242 -9.23 5.45 8.39
C GLU A 242 -7.78 5.38 7.97
N VAL A 243 -7.55 4.94 6.73
CA VAL A 243 -6.22 4.88 6.21
C VAL A 243 -5.74 6.34 6.17
N LYS A 244 -6.53 7.19 5.53
CA LYS A 244 -6.20 8.60 5.40
C LYS A 244 -5.87 9.26 6.72
N ASP A 245 -6.72 9.05 7.71
CA ASP A 245 -6.54 9.62 9.04
C ASP A 245 -5.28 9.07 9.70
N PHE A 246 -5.08 7.76 9.57
CA PHE A 246 -3.91 7.15 10.17
C PHE A 246 -2.60 7.73 9.65
N PHE A 247 -2.49 7.87 8.32
CA PHE A 247 -1.28 8.45 7.72
C PHE A 247 -1.18 9.95 7.99
N ARG A 248 -2.32 10.62 8.06
CA ARG A 248 -2.30 12.05 8.35
C ARG A 248 -1.81 12.23 9.79
N TRP A 249 -2.36 11.44 10.69
CA TRP A 249 -1.98 11.47 12.08
C TRP A 249 -0.48 11.18 12.19
N ALA A 250 -0.03 10.16 11.46
CA ALA A 250 1.37 9.77 11.45
C ALA A 250 2.23 10.96 11.08
N LYS A 251 1.82 11.66 10.03
CA LYS A 251 2.55 12.82 9.55
C LYS A 251 2.62 13.93 10.61
N ASP A 252 1.48 14.18 11.25
CA ASP A 252 1.39 15.21 12.28
C ASP A 252 2.08 14.84 13.61
N HIS A 253 2.50 13.59 13.75
CA HIS A 253 3.14 13.14 14.98
C HIS A 253 4.30 12.21 14.69
N VAL A 254 5.00 12.47 13.60
CA VAL A 254 6.12 11.62 13.20
C VAL A 254 7.25 11.59 14.22
N VAL A 255 7.76 10.38 14.45
CA VAL A 255 8.88 10.20 15.36
C VAL A 255 9.95 9.47 14.57
N GLU A 256 11.17 9.47 15.11
CA GLU A 256 12.26 8.80 14.46
C GLU A 256 12.06 7.29 14.49
N VAL A 257 12.38 6.63 13.39
CA VAL A 257 12.23 5.20 13.28
C VAL A 257 13.59 4.55 13.07
N GLU A 258 13.79 3.37 13.63
CA GLU A 258 15.05 2.67 13.45
C GLU A 258 14.93 1.75 12.25
N HIS A 259 15.94 1.78 11.39
CA HIS A 259 15.96 0.94 10.18
C HIS A 259 16.26 -0.49 10.53
N GLU A 260 15.32 -1.11 11.27
CA GLU A 260 15.47 -2.51 11.66
C GLU A 260 14.30 -3.35 11.21
N PHE A 261 14.76 -4.57 10.90
CA PHE A 261 13.86 -5.61 10.44
C PHE A 261 12.68 -5.69 11.37
N TYR A 262 12.91 -6.00 12.62
CA TYR A 262 11.78 -6.07 13.54
C TYR A 262 11.39 -4.68 14.00
N VAL A 263 10.11 -4.34 13.84
CA VAL A 263 9.66 -3.04 14.32
C VAL A 263 9.58 -3.27 15.82
N LYS A 264 10.24 -2.42 16.59
CA LYS A 264 10.26 -2.56 18.03
C LYS A 264 8.86 -2.48 18.63
N LYS A 265 8.70 -3.06 19.82
CA LYS A 265 7.43 -3.11 20.54
C LYS A 265 7.48 -2.15 21.74
N GLY A 266 7.39 -0.85 21.49
CA GLY A 266 7.42 0.12 22.57
C GLY A 266 7.62 1.54 22.11
N GLY A 267 7.68 2.46 23.06
CA GLY A 267 7.86 3.87 22.72
C GLY A 267 9.26 4.20 22.23
#